data_5T6C
#
_entry.id   5T6C
#
_cell.length_a   51.143
_cell.length_b   58.599
_cell.length_c   152.146
_cell.angle_alpha   90.00
_cell.angle_beta   90.00
_cell.angle_gamma   90.00
#
_symmetry.space_group_name_H-M   'P 21 21 21'
#
loop_
_entity.id
_entity.type
_entity.pdbx_description
1 polymer 'Glycylpeptide N-tetradecanoyltransferase'
2 non-polymer TETRADECANOYL-COA
3 non-polymer 1-(4-{3,5-dichloro-4-[(2-methylpyridin-3-yl)methoxy]phenyl}pyridin-2-yl)piperazine
4 water water
#
_entity_poly.entity_id   1
_entity_poly.type   'polypeptide(L)'
_entity_poly.pdbx_seq_one_letter_code
;GPRSQTQPVPRFDETSTDTGGPIKIIDPEKVSKEPDALLEGFEWATLDLTNETELQELWDLLTYHYVEDDNAMFRFRYSQ
SFLHWALMSPGWKKEWHVGVRATKSRKLVASICGVPTEINVRNQKLKVVEINFLCIHKKLRSKRLTPVLIKEITRRCYLN
GIYQAIYTAGVVLPTPVSSCRYYHRPLDWLKLYEVGFSPLPAGSTKARQITKNHLPSTTSTPGLRPMEPKDIDTVHDLLQ
RYLSRFALNQAFTREEVDHWLVHKPETVKEQVVWAYVVEDPETHKITDFFSFYNLESTVIQNPKHDNVRAAYLYYYATET
AFTNNMKALKERLLMLMNDALILAKKAHFDVFNALTLHDNPLFLEQLKFGAGDGQLHFYLYNYRTAPVPGGVNEKNLPDE
KRMGGVGIVML
;
_entity_poly.pdbx_strand_id   A
#
loop_
_chem_comp.id
_chem_comp.type
_chem_comp.name
_chem_comp.formula
75S non-polymer 1-(4-{3,5-dichloro-4-[(2-methylpyridin-3-yl)methoxy]phenyl}pyridin-2-yl)piperazine 'C22 H22 Cl2 N4 O'
MYA non-polymer TETRADECANOYL-COA 'C35 H62 N7 O17 P3 S'
#
# COMPACT_ATOMS: atom_id res chain seq x y z
N GLY A 20 -10.25 20.14 14.43
CA GLY A 20 -9.17 19.32 13.73
C GLY A 20 -7.94 20.18 13.50
N GLY A 21 -6.77 19.64 13.83
CA GLY A 21 -5.57 20.43 13.90
C GLY A 21 -4.42 19.67 14.59
N PRO A 22 -3.26 20.29 14.68
CA PRO A 22 -2.16 19.60 15.38
C PRO A 22 -2.42 19.48 16.87
N ILE A 23 -1.87 18.44 17.53
CA ILE A 23 -2.05 18.26 18.94
C ILE A 23 -1.07 19.18 19.72
N LYS A 24 0.21 19.16 19.35
CA LYS A 24 1.20 20.06 19.96
C LYS A 24 2.15 20.75 18.96
N ILE A 25 2.76 21.86 19.34
CA ILE A 25 3.86 22.50 18.57
C ILE A 25 5.20 22.06 19.09
N ILE A 26 6.09 21.58 18.20
CA ILE A 26 7.38 21.09 18.59
C ILE A 26 8.32 22.28 18.59
N ASP A 27 9.10 22.41 19.64
CA ASP A 27 10.05 23.52 19.83
C ASP A 27 11.32 23.09 19.08
N PRO A 28 11.60 23.74 17.95
CA PRO A 28 12.75 23.40 17.17
C PRO A 28 14.02 23.54 17.98
N GLU A 29 14.07 24.53 18.89
CA GLU A 29 15.26 24.74 19.73
C GLU A 29 15.59 23.56 20.66
N LYS A 30 14.65 22.67 20.94
CA LYS A 30 14.84 21.67 21.97
C LYS A 30 14.95 20.26 21.39
N VAL A 31 15.00 20.13 20.07
CA VAL A 31 15.18 18.76 19.47
C VAL A 31 16.63 18.25 19.70
N SER A 32 16.76 17.14 20.41
CA SER A 32 18.09 16.59 20.65
C SER A 32 18.87 16.21 19.43
N LYS A 33 20.15 16.65 19.40
CA LYS A 33 21.11 16.24 18.38
C LYS A 33 21.65 14.83 18.50
N GLU A 34 21.49 14.21 19.66
CA GLU A 34 22.01 12.85 19.93
C GLU A 34 20.81 11.87 20.13
N PRO A 35 20.91 10.66 19.53
CA PRO A 35 19.85 9.70 19.81
C PRO A 35 19.93 9.12 21.26
N ASP A 36 18.85 8.47 21.69
CA ASP A 36 18.77 7.82 22.98
C ASP A 36 19.60 6.58 22.93
N ALA A 37 19.88 6.03 24.13
CA ALA A 37 20.57 4.81 24.36
C ALA A 37 19.81 3.56 23.85
N LEU A 38 20.54 2.59 23.39
CA LEU A 38 19.99 1.29 22.96
C LEU A 38 20.34 0.15 23.84
N LEU A 39 19.58 -0.92 23.72
CA LEU A 39 19.98 -2.22 24.29
C LEU A 39 21.47 -2.50 24.11
N GLU A 40 22.12 -2.88 25.19
CA GLU A 40 23.51 -3.32 25.15
C GLU A 40 23.81 -4.28 23.99
N GLY A 41 24.85 -3.96 23.22
CA GLY A 41 25.19 -4.73 22.06
C GLY A 41 24.71 -4.20 20.71
N PHE A 42 23.93 -3.15 20.72
CA PHE A 42 23.30 -2.61 19.54
C PHE A 42 23.56 -1.13 19.34
N GLU A 43 23.54 -0.67 18.12
CA GLU A 43 23.81 0.71 17.85
C GLU A 43 22.90 1.11 16.64
N TRP A 44 22.57 2.39 16.63
CA TRP A 44 21.86 3.09 15.53
C TRP A 44 22.68 3.06 14.22
N ALA A 45 22.03 2.94 13.11
CA ALA A 45 22.69 3.11 11.82
C ALA A 45 21.69 3.57 10.77
N THR A 46 22.00 4.67 10.12
CA THR A 46 21.31 5.16 8.96
C THR A 46 21.63 4.15 7.87
N LEU A 47 20.65 3.83 7.04
CA LEU A 47 20.80 2.91 5.92
C LEU A 47 20.94 3.79 4.67
N ASP A 48 21.88 3.40 3.81
CA ASP A 48 21.98 3.97 2.48
C ASP A 48 21.47 2.96 1.45
N LEU A 49 20.23 3.15 0.99
CA LEU A 49 19.62 2.09 0.16
C LEU A 49 20.07 2.24 -1.28
N THR A 50 20.94 3.24 -1.57
CA THR A 50 21.68 3.30 -2.85
C THR A 50 22.84 2.27 -2.87
N ASN A 51 23.28 1.82 -1.70
CA ASN A 51 24.30 0.76 -1.62
C ASN A 51 23.55 -0.56 -1.77
N GLU A 52 23.86 -1.34 -2.78
CA GLU A 52 23.17 -2.58 -2.93
C GLU A 52 23.34 -3.60 -1.78
N THR A 53 24.52 -3.66 -1.14
CA THR A 53 24.65 -4.54 0.02
C THR A 53 23.70 -4.15 1.21
N GLU A 54 23.41 -2.86 1.37
CA GLU A 54 22.48 -2.39 2.42
C GLU A 54 21.02 -2.64 2.08
N LEU A 55 20.69 -2.50 0.79
CA LEU A 55 19.35 -2.87 0.32
C LEU A 55 19.20 -4.35 0.55
N GLN A 56 20.24 -5.14 0.30
CA GLN A 56 20.20 -6.57 0.52
C GLN A 56 19.96 -6.88 2.00
N GLU A 57 20.65 -6.13 2.87
CA GLU A 57 20.49 -6.32 4.31
C GLU A 57 19.08 -6.09 4.78
N LEU A 58 18.45 -5.04 4.28
CA LEU A 58 17.08 -4.75 4.65
C LEU A 58 16.15 -5.83 4.17
N TRP A 59 16.36 -6.25 2.93
CA TRP A 59 15.56 -7.31 2.32
C TRP A 59 15.74 -8.61 3.16
N ASP A 60 16.96 -8.92 3.54
CA ASP A 60 17.25 -10.13 4.33
C ASP A 60 16.40 -10.13 5.61
N LEU A 61 16.39 -8.99 6.26
CA LEU A 61 15.66 -8.83 7.50
C LEU A 61 14.15 -8.91 7.25
N LEU A 62 13.61 -8.14 6.28
CA LEU A 62 12.12 -8.21 6.08
C LEU A 62 11.62 -9.56 5.60
N THR A 63 12.43 -10.21 4.76
CA THR A 63 12.03 -11.49 4.14
C THR A 63 11.78 -12.54 5.20
N TYR A 64 12.55 -12.48 6.33
CA TYR A 64 12.39 -13.44 7.41
C TYR A 64 11.67 -13.01 8.66
N HIS A 65 11.50 -11.68 8.82
CA HIS A 65 10.97 -11.08 10.05
C HIS A 65 9.80 -10.07 9.88
N TYR A 66 9.28 -9.87 8.68
CA TYR A 66 8.22 -8.89 8.48
C TYR A 66 6.82 -9.54 8.62
N VAL A 67 5.79 -8.88 8.10
CA VAL A 67 4.39 -9.12 8.55
C VAL A 67 3.92 -10.51 8.08
N GLU A 68 3.37 -11.27 9.03
CA GLU A 68 2.79 -12.59 8.86
C GLU A 68 1.25 -12.55 9.20
N ASP A 69 0.48 -13.50 8.66
CA ASP A 69 -0.91 -13.77 9.19
C ASP A 69 -0.78 -14.44 10.56
N ASP A 70 -1.93 -14.68 11.21
CA ASP A 70 -1.97 -15.22 12.58
C ASP A 70 -1.67 -16.71 12.64
N ASN A 71 -1.80 -17.39 11.49
CA ASN A 71 -1.56 -18.83 11.38
C ASN A 71 -0.17 -19.17 10.89
N ALA A 72 0.68 -18.13 10.76
CA ALA A 72 2.06 -18.33 10.34
C ALA A 72 2.11 -19.17 9.07
N MET A 73 1.21 -18.88 8.18
CA MET A 73 1.22 -19.46 6.85
C MET A 73 1.92 -18.63 5.81
N PHE A 74 1.78 -17.28 5.91
CA PHE A 74 2.26 -16.35 4.88
C PHE A 74 3.12 -15.22 5.49
N ARG A 75 4.13 -14.76 4.78
CA ARG A 75 4.87 -13.55 5.18
C ARG A 75 5.07 -12.63 3.99
N PHE A 76 4.82 -11.35 4.19
CA PHE A 76 5.10 -10.36 3.12
C PHE A 76 6.53 -10.51 2.62
N ARG A 77 6.68 -10.38 1.32
CA ARG A 77 8.00 -10.59 0.69
C ARG A 77 8.19 -9.43 -0.30
N TYR A 78 8.35 -8.21 0.22
CA TYR A 78 8.70 -7.08 -0.59
C TYR A 78 9.96 -7.40 -1.42
N SER A 79 9.97 -7.09 -2.70
CA SER A 79 11.23 -7.24 -3.47
C SER A 79 12.21 -6.10 -3.22
N GLN A 80 13.43 -6.29 -3.67
CA GLN A 80 14.44 -5.29 -3.54
C GLN A 80 14.07 -4.13 -4.44
N SER A 81 13.63 -4.46 -5.65
CA SER A 81 13.00 -3.49 -6.55
C SER A 81 11.84 -2.66 -5.93
N PHE A 82 10.88 -3.35 -5.29
CA PHE A 82 9.82 -2.68 -4.55
C PHE A 82 10.41 -1.75 -3.48
N LEU A 83 11.39 -2.23 -2.74
CA LEU A 83 11.93 -1.39 -1.62
C LEU A 83 12.65 -0.14 -2.17
N HIS A 84 13.36 -0.33 -3.29
CA HIS A 84 14.03 0.77 -3.97
C HIS A 84 12.97 1.81 -4.33
N TRP A 85 11.89 1.34 -4.89
CA TRP A 85 10.77 2.15 -5.34
C TRP A 85 10.03 2.79 -4.18
N ALA A 86 9.79 2.04 -3.12
CA ALA A 86 8.93 2.58 -2.05
C ALA A 86 9.64 3.62 -1.20
N LEU A 87 10.97 3.50 -1.11
CA LEU A 87 11.73 4.25 -0.15
C LEU A 87 12.57 5.42 -0.72
N MET A 88 12.71 5.44 -2.04
CA MET A 88 13.49 6.48 -2.66
C MET A 88 12.61 7.29 -3.60
N SER A 89 11.46 7.66 -3.07
CA SER A 89 10.44 8.45 -3.72
C SER A 89 10.76 9.93 -3.56
N PRO A 90 10.04 10.82 -4.24
CA PRO A 90 10.40 12.23 -4.28
C PRO A 90 10.49 12.85 -2.87
N GLY A 91 11.61 13.51 -2.62
CA GLY A 91 11.86 14.23 -1.41
C GLY A 91 12.47 13.30 -0.37
N TRP A 92 12.75 12.05 -0.75
CA TRP A 92 13.33 11.12 0.25
C TRP A 92 14.64 11.59 0.87
N LYS A 93 14.88 11.12 2.11
CA LYS A 93 16.10 11.39 2.90
C LYS A 93 16.62 10.07 3.48
N LYS A 94 17.89 9.77 3.31
CA LYS A 94 18.47 8.58 3.93
C LYS A 94 18.30 8.58 5.44
N GLU A 95 18.27 9.77 6.02
CA GLU A 95 18.14 9.96 7.49
C GLU A 95 16.89 9.36 8.01
N TRP A 96 15.90 9.17 7.14
CA TRP A 96 14.66 8.56 7.56
C TRP A 96 14.62 7.06 7.21
N HIS A 97 15.78 6.47 6.86
CA HIS A 97 15.86 5.03 6.71
C HIS A 97 16.70 4.52 7.89
N VAL A 98 16.05 4.14 8.97
CA VAL A 98 16.75 3.89 10.22
C VAL A 98 16.92 2.39 10.47
N GLY A 99 18.15 2.03 10.78
CA GLY A 99 18.51 0.66 11.09
C GLY A 99 19.05 0.59 12.53
N VAL A 100 19.00 -0.57 13.10
CA VAL A 100 19.80 -0.88 14.27
C VAL A 100 20.67 -2.07 13.91
N ARG A 101 21.97 -2.00 14.23
CA ARG A 101 22.85 -3.13 14.05
C ARG A 101 23.50 -3.64 15.30
N ALA A 102 23.76 -4.95 15.33
CA ALA A 102 24.60 -5.54 16.34
C ALA A 102 26.03 -4.96 16.23
N THR A 103 26.57 -4.46 17.34
CA THR A 103 27.85 -3.82 17.38
C THR A 103 28.95 -4.79 16.95
N LYS A 104 28.96 -6.00 17.45
CA LYS A 104 30.07 -6.91 17.08
C LYS A 104 30.04 -7.53 15.65
N SER A 105 28.96 -8.24 15.30
CA SER A 105 28.80 -8.85 14.01
C SER A 105 28.38 -7.86 12.86
N ARG A 106 27.90 -6.68 13.19
CA ARG A 106 27.40 -5.65 12.21
C ARG A 106 26.05 -5.98 11.59
N LYS A 107 25.45 -7.06 12.04
CA LYS A 107 24.24 -7.53 11.48
C LYS A 107 23.08 -6.50 11.68
N LEU A 108 22.37 -6.25 10.60
CA LEU A 108 21.08 -5.43 10.68
C LEU A 108 19.96 -6.25 11.39
N VAL A 109 19.41 -5.77 12.52
CA VAL A 109 18.49 -6.48 13.34
C VAL A 109 17.16 -5.78 13.51
N ALA A 110 17.06 -4.50 13.11
CA ALA A 110 15.79 -3.82 13.16
C ALA A 110 15.80 -2.67 12.18
N SER A 111 14.59 -2.21 11.86
CA SER A 111 14.37 -1.11 10.94
C SER A 111 13.10 -0.34 11.29
N ILE A 112 13.09 0.93 10.89
CA ILE A 112 11.90 1.75 10.78
C ILE A 112 12.20 2.82 9.73
N CYS A 113 11.24 3.06 8.81
CA CYS A 113 11.48 3.98 7.67
C CYS A 113 10.37 4.98 7.49
N GLY A 114 10.73 6.12 6.91
CA GLY A 114 9.73 7.07 6.40
C GLY A 114 10.07 7.63 5.01
N VAL A 115 9.06 8.04 4.27
CA VAL A 115 9.22 8.97 3.14
C VAL A 115 8.25 10.15 3.29
N PRO A 116 8.62 11.35 2.76
CA PRO A 116 7.71 12.52 2.86
C PRO A 116 6.60 12.47 1.85
N THR A 117 5.42 13.01 2.22
CA THR A 117 4.41 13.34 1.27
C THR A 117 3.53 14.45 1.87
N GLU A 118 2.56 14.94 1.13
CA GLU A 118 1.59 15.85 1.64
C GLU A 118 0.21 15.15 1.63
N ILE A 119 -0.54 15.35 2.70
CA ILE A 119 -1.86 14.77 2.71
C ILE A 119 -2.91 15.80 2.88
N ASN A 120 -4.09 15.49 2.45
CA ASN A 120 -5.22 16.36 2.80
C ASN A 120 -6.02 15.65 3.85
N VAL A 121 -6.22 16.39 4.94
CA VAL A 121 -7.05 15.95 6.03
C VAL A 121 -8.26 16.94 6.14
N ARG A 122 -9.38 16.56 5.58
CA ARG A 122 -10.56 17.44 5.52
C ARG A 122 -10.14 18.84 5.01
N ASN A 123 -9.62 18.90 3.81
CA ASN A 123 -9.10 20.16 3.17
C ASN A 123 -8.17 21.07 4.01
N GLN A 124 -7.46 20.48 4.96
CA GLN A 124 -6.21 21.06 5.41
C GLN A 124 -5.11 20.20 4.79
N LYS A 125 -4.19 20.85 4.11
CA LYS A 125 -2.99 20.20 3.56
C LYS A 125 -1.90 20.09 4.63
N LEU A 126 -1.32 18.93 4.78
CA LEU A 126 -0.27 18.72 5.78
C LEU A 126 0.93 18.02 5.22
N LYS A 127 2.12 18.50 5.63
CA LYS A 127 3.36 17.87 5.26
C LYS A 127 3.60 16.77 6.32
N VAL A 128 3.76 15.51 5.88
CA VAL A 128 3.84 14.40 6.82
C VAL A 128 4.98 13.43 6.37
N VAL A 129 5.37 12.54 7.25
CA VAL A 129 6.12 11.34 6.88
C VAL A 129 5.10 10.19 6.87
N GLU A 130 5.19 9.33 5.86
CA GLU A 130 4.59 8.02 5.88
C GLU A 130 5.56 7.03 6.50
N ILE A 131 5.20 6.36 7.58
CA ILE A 131 6.10 5.47 8.27
C ILE A 131 5.77 4.03 7.87
N ASN A 132 6.81 3.25 7.60
CA ASN A 132 6.63 1.91 7.09
C ASN A 132 7.83 1.08 7.45
N PHE A 133 7.69 -0.21 7.22
CA PHE A 133 8.81 -1.11 7.39
C PHE A 133 9.43 -1.06 8.82
N LEU A 134 8.59 -0.88 9.81
CA LEU A 134 8.98 -1.14 11.19
C LEU A 134 9.14 -2.62 11.30
N CYS A 135 10.31 -3.05 11.74
CA CYS A 135 10.62 -4.45 11.80
C CYS A 135 11.73 -4.76 12.88
N ILE A 136 11.40 -5.68 13.79
CA ILE A 136 12.41 -6.25 14.75
C ILE A 136 12.60 -7.74 14.47
N HIS A 137 13.87 -8.08 14.24
CA HIS A 137 14.30 -9.49 14.23
C HIS A 137 13.57 -10.30 15.33
N LYS A 138 13.01 -11.43 14.95
CA LYS A 138 12.28 -12.30 15.91
C LYS A 138 13.01 -12.54 17.26
N LYS A 139 14.31 -12.70 17.26
CA LYS A 139 15.04 -12.91 18.48
C LYS A 139 15.03 -11.70 19.41
N LEU A 140 14.73 -10.50 18.92
CA LEU A 140 14.75 -9.31 19.76
C LEU A 140 13.38 -8.78 20.09
N ARG A 141 12.33 -9.59 19.83
CA ARG A 141 10.94 -9.19 20.14
C ARG A 141 10.65 -9.15 21.65
N SER A 142 9.64 -8.38 22.04
CA SER A 142 9.16 -8.29 23.41
C SER A 142 10.19 -7.74 24.37
N LYS A 143 11.08 -6.90 23.87
CA LYS A 143 12.07 -6.16 24.65
C LYS A 143 11.81 -4.65 24.63
N ARG A 144 10.64 -4.25 24.20
CA ARG A 144 10.26 -2.82 24.19
C ARG A 144 11.20 -1.95 23.32
N LEU A 145 11.74 -2.55 22.25
CA LEU A 145 12.57 -1.80 21.29
C LEU A 145 11.67 -0.91 20.38
N THR A 146 10.43 -1.34 20.11
CA THR A 146 9.50 -0.46 19.30
C THR A 146 9.40 1.01 19.67
N PRO A 147 9.04 1.33 20.93
CA PRO A 147 8.99 2.72 21.32
C PRO A 147 10.33 3.49 21.10
N VAL A 148 11.46 2.78 21.22
CA VAL A 148 12.73 3.34 21.05
C VAL A 148 12.92 3.68 19.56
N LEU A 149 12.50 2.75 18.70
CA LEU A 149 12.57 2.97 17.23
C LEU A 149 11.71 4.14 16.85
N ILE A 150 10.52 4.17 17.44
CA ILE A 150 9.59 5.22 17.14
C ILE A 150 10.06 6.60 17.60
N LYS A 151 10.61 6.69 18.79
CA LYS A 151 11.14 7.90 19.30
C LYS A 151 12.31 8.40 18.41
N GLU A 152 13.16 7.49 17.95
CA GLU A 152 14.31 7.95 17.16
C GLU A 152 13.94 8.48 15.75
N ILE A 153 13.04 7.78 15.07
CA ILE A 153 12.58 8.32 13.77
C ILE A 153 11.81 9.62 13.97
N THR A 154 11.04 9.72 15.05
CA THR A 154 10.36 10.95 15.35
C THR A 154 11.40 12.13 15.44
N ARG A 155 12.51 11.87 16.12
CA ARG A 155 13.55 12.85 16.35
C ARG A 155 14.21 13.32 15.09
N ARG A 156 14.49 12.34 14.22
CA ARG A 156 15.06 12.58 12.91
C ARG A 156 14.12 13.40 11.98
N CYS A 157 12.82 13.18 12.08
CA CYS A 157 11.84 13.94 11.36
C CYS A 157 11.67 15.39 11.87
N TYR A 158 11.58 15.54 13.21
CA TYR A 158 11.56 16.85 13.89
C TYR A 158 12.71 17.75 13.48
N LEU A 159 13.90 17.19 13.38
CA LEU A 159 15.11 17.88 12.91
C LEU A 159 15.05 18.35 11.47
N ASN A 160 14.22 17.71 10.70
CA ASN A 160 14.04 18.05 9.34
C ASN A 160 12.71 18.84 9.08
N GLY A 161 12.11 19.35 10.10
CA GLY A 161 10.98 20.18 9.94
C GLY A 161 9.65 19.48 9.77
N ILE A 162 9.58 18.17 10.02
CA ILE A 162 8.35 17.43 9.88
C ILE A 162 7.83 16.99 11.24
N TYR A 163 6.56 17.36 11.56
CA TYR A 163 5.99 17.17 12.87
C TYR A 163 4.76 16.30 12.93
N GLN A 164 4.31 15.77 11.81
CA GLN A 164 3.20 14.89 11.77
C GLN A 164 3.55 13.61 10.93
N ALA A 165 2.83 12.54 11.18
CA ALA A 165 2.95 11.34 10.36
C ALA A 165 1.62 10.68 10.09
N ILE A 166 1.65 9.75 9.15
CA ILE A 166 0.59 8.86 8.83
C ILE A 166 1.19 7.45 8.71
N TYR A 167 0.46 6.53 9.24
CA TYR A 167 0.80 5.15 9.11
C TYR A 167 -0.43 4.26 9.28
N THR A 168 -0.24 3.07 8.74
CA THR A 168 -1.20 1.99 8.91
C THR A 168 -0.49 0.78 9.55
N ALA A 169 -1.28 0.01 10.26
CA ALA A 169 -0.86 -1.17 10.99
C ALA A 169 -2.07 -2.14 10.96
N GLY A 170 -1.85 -3.42 11.21
CA GLY A 170 -3.02 -4.34 11.39
C GLY A 170 -3.33 -4.62 12.84
N VAL A 171 -2.69 -3.87 13.76
CA VAL A 171 -3.08 -3.89 15.19
C VAL A 171 -3.68 -2.58 15.70
N VAL A 172 -4.65 -2.74 16.57
CA VAL A 172 -5.36 -1.62 17.16
C VAL A 172 -4.42 -0.98 18.20
N LEU A 173 -4.22 0.32 17.99
CA LEU A 173 -3.47 1.24 18.85
C LEU A 173 -4.38 2.44 19.18
N PRO A 174 -3.98 3.30 20.10
CA PRO A 174 -4.76 4.49 20.42
C PRO A 174 -5.28 5.32 19.21
N THR A 175 -6.53 5.74 19.30
CA THR A 175 -7.15 6.77 18.45
C THR A 175 -7.05 6.53 16.85
N PRO A 176 -7.56 5.41 16.35
CA PRO A 176 -7.59 5.19 14.92
C PRO A 176 -8.47 6.19 14.14
N VAL A 177 -7.98 6.60 12.99
CA VAL A 177 -8.71 7.50 12.07
C VAL A 177 -9.74 6.73 11.18
N SER A 178 -9.38 5.51 10.80
CA SER A 178 -10.25 4.66 10.01
C SER A 178 -9.72 3.24 10.07
N SER A 179 -10.47 2.36 9.49
CA SER A 179 -10.21 0.97 9.46
C SER A 179 -10.85 0.36 8.19
N CYS A 180 -10.06 -0.41 7.45
CA CYS A 180 -10.48 -0.92 6.11
C CYS A 180 -10.18 -2.40 6.08
N ARG A 181 -11.03 -3.21 5.45
CA ARG A 181 -10.83 -4.63 5.31
C ARG A 181 -10.17 -5.02 3.98
N TYR A 182 -9.26 -6.01 4.04
CA TYR A 182 -8.63 -6.60 2.84
C TYR A 182 -9.61 -7.58 2.12
N TYR A 183 -9.60 -7.54 0.78
CA TYR A 183 -10.39 -8.37 -0.09
C TYR A 183 -9.50 -8.99 -1.17
N HIS A 184 -9.86 -10.17 -1.62
CA HIS A 184 -8.97 -11.00 -2.48
C HIS A 184 -9.70 -11.70 -3.62
N ARG A 185 -9.31 -11.34 -4.85
CA ARG A 185 -9.96 -11.88 -6.01
C ARG A 185 -8.97 -12.95 -6.55
N PRO A 186 -9.33 -14.27 -6.41
CA PRO A 186 -8.51 -15.32 -6.97
C PRO A 186 -8.36 -15.10 -8.49
N LEU A 187 -7.12 -15.12 -8.95
CA LEU A 187 -6.80 -15.14 -10.37
C LEU A 187 -6.42 -16.58 -10.77
N ASP A 188 -5.58 -17.25 -9.95
CA ASP A 188 -5.22 -18.68 -10.17
C ASP A 188 -5.74 -19.34 -8.97
N TRP A 189 -7.02 -19.71 -8.98
CA TRP A 189 -7.64 -20.31 -7.80
C TRP A 189 -6.94 -21.56 -7.32
N LEU A 190 -6.48 -22.43 -8.22
CA LEU A 190 -5.93 -23.73 -7.79
C LEU A 190 -4.56 -23.54 -7.06
N LYS A 191 -3.75 -22.57 -7.52
CA LYS A 191 -2.50 -22.21 -6.81
C LYS A 191 -2.88 -21.82 -5.40
N LEU A 192 -3.92 -21.01 -5.25
CA LEU A 192 -4.35 -20.44 -3.96
C LEU A 192 -4.89 -21.46 -3.05
N TYR A 193 -5.71 -22.32 -3.62
CA TYR A 193 -6.19 -23.50 -2.90
C TYR A 193 -5.03 -24.40 -2.43
N GLU A 194 -4.07 -24.70 -3.30
CA GLU A 194 -2.96 -25.58 -2.92
C GLU A 194 -2.02 -25.04 -1.81
N VAL A 195 -1.88 -23.71 -1.71
CA VAL A 195 -1.05 -23.12 -0.61
C VAL A 195 -1.82 -22.81 0.66
N GLY A 196 -3.09 -23.17 0.65
CA GLY A 196 -3.98 -22.93 1.80
C GLY A 196 -4.50 -21.52 1.89
N PHE A 197 -4.38 -20.73 0.85
CA PHE A 197 -4.92 -19.33 0.86
C PHE A 197 -6.43 -19.26 0.68
N SER A 198 -6.95 -20.07 -0.24
CA SER A 198 -8.39 -20.14 -0.58
C SER A 198 -8.91 -21.50 -0.16
N PRO A 199 -10.04 -21.52 0.53
CA PRO A 199 -10.53 -22.88 0.87
C PRO A 199 -11.35 -23.45 -0.28
N LEU A 200 -11.52 -24.77 -0.33
CA LEU A 200 -12.59 -25.33 -1.23
C LEU A 200 -13.90 -25.46 -0.46
N PRO A 201 -14.89 -24.58 -0.67
CA PRO A 201 -16.22 -24.73 -0.05
C PRO A 201 -16.82 -25.99 -0.66
N ALA A 202 -16.80 -27.13 0.02
CA ALA A 202 -17.66 -27.36 1.20
C ALA A 202 -18.64 -28.30 0.45
N GLY A 203 -19.59 -27.76 -0.29
CA GLY A 203 -20.30 -28.59 -1.27
C GLY A 203 -19.70 -28.61 -2.68
N SER A 204 -18.49 -28.04 -2.92
CA SER A 204 -17.95 -27.77 -4.32
C SER A 204 -16.82 -28.66 -4.83
N THR A 205 -16.19 -28.25 -5.93
CA THR A 205 -15.03 -28.99 -6.47
C THR A 205 -14.03 -28.02 -7.03
N LYS A 206 -12.89 -28.53 -7.41
CA LYS A 206 -11.82 -27.69 -7.99
C LYS A 206 -12.36 -27.05 -9.27
N ALA A 207 -12.98 -27.88 -10.11
CA ALA A 207 -13.53 -27.46 -11.37
C ALA A 207 -14.53 -26.33 -11.21
N ARG A 208 -15.37 -26.44 -10.19
CA ARG A 208 -16.35 -25.41 -9.95
C ARG A 208 -15.77 -24.10 -9.42
N GLN A 209 -14.77 -24.16 -8.57
CA GLN A 209 -14.12 -22.90 -8.18
C GLN A 209 -13.39 -22.26 -9.35
N ILE A 210 -12.74 -23.07 -10.18
CA ILE A 210 -12.02 -22.51 -11.37
C ILE A 210 -13.04 -21.83 -12.30
N THR A 211 -14.19 -22.47 -12.53
CA THR A 211 -15.25 -21.89 -13.32
C THR A 211 -15.73 -20.57 -12.71
N LYS A 212 -16.00 -20.54 -11.44
CA LYS A 212 -16.45 -19.32 -10.79
C LYS A 212 -15.50 -18.16 -11.04
N ASN A 213 -14.21 -18.44 -10.98
CA ASN A 213 -13.15 -17.43 -11.11
C ASN A 213 -12.69 -17.12 -12.53
N HIS A 214 -13.29 -17.77 -13.53
CA HIS A 214 -12.89 -17.54 -14.93
C HIS A 214 -13.04 -16.09 -15.34
N LEU A 215 -12.06 -15.58 -16.03
CA LEU A 215 -12.15 -14.23 -16.59
C LEU A 215 -12.04 -14.31 -18.13
N PRO A 216 -12.58 -13.28 -18.86
CA PRO A 216 -12.35 -13.13 -20.31
C PRO A 216 -10.87 -12.99 -20.66
N SER A 217 -10.46 -13.38 -21.85
CA SER A 217 -9.06 -13.22 -22.28
C SER A 217 -8.65 -11.82 -22.77
N THR A 218 -9.61 -10.99 -23.11
CA THR A 218 -9.34 -9.65 -23.59
C THR A 218 -10.09 -8.65 -22.69
N THR A 219 -9.59 -7.44 -22.60
CA THR A 219 -10.24 -6.40 -21.84
C THR A 219 -11.37 -5.81 -22.68
N SER A 220 -12.31 -5.08 -22.02
CA SER A 220 -13.51 -4.52 -22.64
C SER A 220 -13.55 -3.00 -22.72
N THR A 221 -12.85 -2.29 -21.85
CA THR A 221 -13.02 -0.81 -21.88
C THR A 221 -12.37 -0.23 -23.18
N PRO A 222 -13.14 0.55 -23.94
CA PRO A 222 -12.50 1.05 -25.19
C PRO A 222 -11.44 2.16 -24.94
N GLY A 223 -10.33 2.09 -25.68
CA GLY A 223 -9.14 2.97 -25.54
C GLY A 223 -8.16 2.69 -24.37
N LEU A 224 -8.46 1.69 -23.59
CA LEU A 224 -7.53 1.13 -22.63
C LEU A 224 -6.19 0.78 -23.27
N ARG A 225 -5.12 1.31 -22.66
CA ARG A 225 -3.76 1.06 -23.01
C ARG A 225 -2.88 1.34 -21.77
N PRO A 226 -1.64 0.87 -21.79
CA PRO A 226 -0.71 1.20 -20.68
C PRO A 226 -0.46 2.71 -20.69
N MET A 227 -0.32 3.24 -19.51
CA MET A 227 0.05 4.63 -19.35
C MET A 227 1.42 4.87 -19.94
N GLU A 228 1.64 6.10 -20.42
CA GLU A 228 2.88 6.52 -20.96
C GLU A 228 3.31 7.76 -20.24
N PRO A 229 4.61 8.10 -20.30
CA PRO A 229 5.09 9.37 -19.68
C PRO A 229 4.32 10.63 -20.15
N LYS A 230 3.91 10.65 -21.42
CA LYS A 230 3.09 11.75 -21.97
C LYS A 230 1.78 11.90 -21.26
N ASP A 231 1.33 10.87 -20.55
CA ASP A 231 0.04 10.92 -19.81
C ASP A 231 0.07 11.58 -18.41
N ILE A 232 1.25 11.89 -17.92
CA ILE A 232 1.43 12.36 -16.55
C ILE A 232 0.62 13.55 -16.17
N ASP A 233 0.65 14.61 -16.97
CA ASP A 233 -0.09 15.82 -16.60
C ASP A 233 -1.62 15.60 -16.52
N THR A 234 -2.19 14.85 -17.47
CA THR A 234 -3.64 14.54 -17.43
C THR A 234 -4.04 13.57 -16.34
N VAL A 235 -3.21 12.55 -16.12
CA VAL A 235 -3.49 11.66 -15.04
C VAL A 235 -3.33 12.40 -13.69
N HIS A 236 -2.33 13.27 -13.58
CA HIS A 236 -2.18 14.04 -12.38
C HIS A 236 -3.44 14.83 -12.09
N ASP A 237 -3.99 15.50 -13.12
CA ASP A 237 -5.16 16.33 -12.92
C ASP A 237 -6.37 15.51 -12.54
N LEU A 238 -6.69 14.48 -13.30
CA LEU A 238 -7.84 13.65 -13.01
C LEU A 238 -7.70 12.98 -11.59
N LEU A 239 -6.50 12.47 -11.26
CA LEU A 239 -6.31 11.81 -9.95
C LEU A 239 -6.59 12.79 -8.80
N GLN A 240 -6.00 13.99 -8.84
CA GLN A 240 -6.26 15.01 -7.88
C GLN A 240 -7.75 15.34 -7.72
N ARG A 241 -8.46 15.57 -8.79
CA ARG A 241 -9.92 15.75 -8.69
C ARG A 241 -10.67 14.57 -8.04
N TYR A 242 -10.37 13.36 -8.50
CA TYR A 242 -10.94 12.18 -7.94
C TYR A 242 -10.69 12.09 -6.41
N LEU A 243 -9.44 12.25 -6.00
CA LEU A 243 -9.07 12.08 -4.61
C LEU A 243 -9.62 13.14 -3.72
N SER A 244 -9.93 14.29 -4.29
CA SER A 244 -10.61 15.38 -3.49
C SER A 244 -11.93 14.96 -2.91
N ARG A 245 -12.58 13.96 -3.50
CA ARG A 245 -13.84 13.44 -3.00
C ARG A 245 -13.73 12.57 -1.70
N PHE A 246 -12.51 12.43 -1.14
CA PHE A 246 -12.28 11.68 0.09
C PHE A 246 -11.72 12.60 1.19
N ALA A 247 -12.23 12.48 2.42
CA ALA A 247 -11.81 13.29 3.59
C ALA A 247 -10.32 13.21 3.88
N LEU A 248 -9.79 12.00 3.72
CA LEU A 248 -8.40 11.75 3.92
C LEU A 248 -7.82 11.29 2.59
N ASN A 249 -6.81 12.00 2.09
CA ASN A 249 -6.26 11.62 0.82
C ASN A 249 -4.82 12.13 0.65
N GLN A 250 -4.12 11.51 -0.31
CA GLN A 250 -2.77 11.85 -0.68
C GLN A 250 -2.78 13.00 -1.71
N ALA A 251 -2.04 14.07 -1.40
CA ALA A 251 -2.05 15.23 -2.22
C ALA A 251 -0.92 15.19 -3.23
N PHE A 252 -1.07 14.37 -4.29
CA PHE A 252 -0.01 14.10 -5.29
C PHE A 252 0.60 15.33 -5.97
N THR A 253 1.92 15.37 -6.03
CA THR A 253 2.69 16.26 -6.91
C THR A 253 2.94 15.51 -8.24
N ARG A 254 3.37 16.27 -9.22
CA ARG A 254 3.64 15.70 -10.56
C ARG A 254 4.80 14.65 -10.51
N GLU A 255 5.85 14.96 -9.72
CA GLU A 255 6.97 14.00 -9.51
C GLU A 255 6.46 12.70 -8.87
N GLU A 256 5.52 12.84 -7.96
CA GLU A 256 4.89 11.67 -7.33
C GLU A 256 4.07 10.85 -8.35
N VAL A 257 3.42 11.50 -9.30
CA VAL A 257 2.75 10.75 -10.39
C VAL A 257 3.76 9.99 -11.25
N ASP A 258 4.86 10.62 -11.60
CA ASP A 258 5.87 9.98 -12.33
C ASP A 258 6.47 8.78 -11.55
N HIS A 259 6.81 9.04 -10.29
CA HIS A 259 7.45 7.95 -9.46
C HIS A 259 6.53 6.77 -9.16
N TRP A 260 5.33 7.10 -8.71
CA TRP A 260 4.43 6.11 -8.19
C TRP A 260 3.64 5.43 -9.32
N LEU A 261 3.55 6.04 -10.52
CA LEU A 261 2.65 5.46 -11.55
C LEU A 261 3.29 4.95 -12.85
N VAL A 262 4.48 5.48 -13.15
CA VAL A 262 5.12 5.22 -14.46
C VAL A 262 6.41 4.44 -14.33
N HIS A 263 6.20 3.14 -14.54
CA HIS A 263 7.28 2.19 -14.64
C HIS A 263 8.41 2.64 -15.63
N LYS A 264 9.64 2.59 -15.19
CA LYS A 264 10.83 2.88 -16.08
C LYS A 264 11.58 1.58 -16.36
N PRO A 265 11.23 0.88 -17.43
CA PRO A 265 11.82 -0.39 -17.81
C PRO A 265 13.33 -0.26 -18.14
N GLU A 266 13.74 0.89 -18.65
CA GLU A 266 15.15 1.21 -18.81
C GLU A 266 15.98 0.96 -17.56
N THR A 267 15.40 1.25 -16.41
CA THR A 267 16.18 1.43 -15.21
C THR A 267 15.74 0.49 -14.09
N VAL A 268 14.57 -0.14 -14.26
CA VAL A 268 13.98 -1.09 -13.29
C VAL A 268 13.82 -2.46 -13.99
N LYS A 269 14.63 -3.38 -13.55
CA LYS A 269 14.57 -4.68 -14.19
C LYS A 269 13.36 -5.51 -13.79
N GLU A 270 12.99 -5.43 -12.53
CA GLU A 270 11.91 -6.25 -12.04
C GLU A 270 10.72 -5.25 -11.81
N GLN A 271 9.82 -5.13 -12.81
CA GLN A 271 8.68 -4.23 -12.74
C GLN A 271 7.87 -4.41 -11.46
N VAL A 272 7.61 -3.32 -10.76
CA VAL A 272 6.75 -3.32 -9.59
C VAL A 272 5.38 -2.62 -9.76
N VAL A 273 5.32 -1.63 -10.66
CA VAL A 273 4.06 -0.87 -10.84
C VAL A 273 3.56 -0.98 -12.25
N TRP A 274 2.26 -1.17 -12.36
CA TRP A 274 1.56 -1.18 -13.67
C TRP A 274 0.47 -0.12 -13.68
N ALA A 275 0.31 0.65 -14.74
CA ALA A 275 -0.73 1.65 -14.78
C ALA A 275 -1.31 1.65 -16.15
N TYR A 276 -2.61 1.85 -16.25
CA TYR A 276 -3.31 1.79 -17.55
C TYR A 276 -4.28 2.92 -17.58
N VAL A 277 -4.38 3.55 -18.76
CA VAL A 277 -5.24 4.72 -19.02
C VAL A 277 -6.22 4.37 -20.06
N VAL A 278 -7.34 5.06 -20.03
CA VAL A 278 -8.31 4.99 -21.07
C VAL A 278 -8.26 6.27 -21.91
N GLU A 279 -7.80 6.16 -23.15
CA GLU A 279 -7.76 7.27 -24.04
C GLU A 279 -9.10 7.22 -24.79
N ASP A 280 -9.94 8.20 -24.57
CA ASP A 280 -11.26 8.15 -25.21
C ASP A 280 -11.08 8.00 -26.76
N PRO A 281 -11.71 6.99 -27.36
CA PRO A 281 -11.67 6.81 -28.81
C PRO A 281 -12.13 8.04 -29.63
N GLU A 282 -13.08 8.85 -29.14
CA GLU A 282 -13.57 10.04 -29.87
C GLU A 282 -12.68 11.25 -29.59
N THR A 283 -12.53 11.62 -28.32
CA THR A 283 -11.85 12.88 -27.93
C THR A 283 -10.36 12.75 -27.67
N HIS A 284 -9.89 11.51 -27.54
CA HIS A 284 -8.49 11.24 -27.17
C HIS A 284 -7.98 11.85 -25.88
N LYS A 285 -8.89 12.20 -24.98
CA LYS A 285 -8.47 12.68 -23.65
C LYS A 285 -8.49 11.45 -22.82
N ILE A 286 -7.62 11.42 -21.85
CA ILE A 286 -7.70 10.30 -20.89
C ILE A 286 -8.87 10.48 -19.91
N THR A 287 -9.80 9.51 -19.91
CA THR A 287 -10.98 9.64 -19.12
C THR A 287 -11.00 8.82 -17.84
N ASP A 288 -10.17 7.82 -17.79
CA ASP A 288 -10.03 6.96 -16.63
C ASP A 288 -8.59 6.47 -16.60
N PHE A 289 -8.17 6.03 -15.43
CA PHE A 289 -6.99 5.21 -15.26
C PHE A 289 -7.14 4.24 -14.06
N PHE A 290 -6.26 3.23 -14.02
CA PHE A 290 -6.09 2.36 -12.80
C PHE A 290 -4.71 1.84 -12.72
N SER A 291 -4.31 1.25 -11.60
CA SER A 291 -2.87 0.89 -11.41
C SER A 291 -2.82 -0.22 -10.39
N PHE A 292 -1.80 -1.06 -10.42
CA PHE A 292 -1.68 -2.05 -9.38
C PHE A 292 -0.21 -2.37 -9.20
N TYR A 293 0.17 -2.90 -8.02
CA TYR A 293 1.57 -3.20 -7.82
C TYR A 293 1.80 -4.63 -7.41
N ASN A 294 3.04 -5.04 -7.61
CA ASN A 294 3.54 -6.42 -7.38
C ASN A 294 4.12 -6.57 -5.95
N LEU A 295 3.42 -7.34 -5.13
CA LEU A 295 3.83 -7.61 -3.75
C LEU A 295 3.59 -9.10 -3.43
N GLU A 296 4.65 -9.91 -3.54
CA GLU A 296 4.61 -11.31 -3.14
C GLU A 296 4.51 -11.53 -1.61
N SER A 297 3.84 -12.62 -1.22
CA SER A 297 4.04 -13.22 0.08
C SER A 297 4.67 -14.61 -0.09
N THR A 298 5.59 -14.87 0.78
CA THR A 298 6.23 -16.14 0.98
C THR A 298 5.25 -17.11 1.63
N VAL A 299 5.16 -18.29 1.06
CA VAL A 299 4.35 -19.37 1.60
C VAL A 299 5.25 -20.10 2.59
N ILE A 300 5.01 -19.90 3.89
CA ILE A 300 5.98 -20.22 4.91
C ILE A 300 6.36 -21.72 4.87
N GLN A 301 5.41 -22.63 4.75
CA GLN A 301 5.83 -24.05 4.70
C GLN A 301 4.91 -24.95 3.93
N ASN A 302 4.92 -24.80 2.61
CA ASN A 302 4.10 -25.61 1.69
C ASN A 302 4.89 -26.41 0.59
N PRO A 303 4.64 -27.75 0.55
CA PRO A 303 5.26 -28.59 -0.44
C PRO A 303 5.41 -27.99 -1.83
N LYS A 304 4.30 -27.78 -2.58
CA LYS A 304 4.36 -27.56 -4.05
C LYS A 304 4.54 -26.10 -4.49
N HIS A 305 4.18 -25.14 -3.63
CA HIS A 305 4.52 -23.74 -3.93
C HIS A 305 5.36 -23.07 -2.84
N ASP A 306 6.05 -22.04 -3.31
CA ASP A 306 6.75 -21.23 -2.37
C ASP A 306 6.32 -19.75 -2.33
N ASN A 307 5.66 -19.18 -3.37
CA ASN A 307 5.17 -17.77 -3.24
C ASN A 307 3.74 -17.52 -3.73
N VAL A 308 3.01 -16.67 -3.05
CA VAL A 308 1.77 -16.06 -3.63
C VAL A 308 2.12 -14.75 -4.29
N ARG A 309 1.94 -14.70 -5.61
CA ARG A 309 2.21 -13.52 -6.41
C ARG A 309 0.97 -12.67 -6.47
N ALA A 310 0.89 -11.69 -5.60
CA ALA A 310 -0.23 -10.77 -5.52
C ALA A 310 0.00 -9.45 -6.24
N ALA A 311 -1.06 -9.00 -6.89
CA ALA A 311 -1.14 -7.65 -7.36
C ALA A 311 -2.10 -6.94 -6.42
N TYR A 312 -1.72 -5.74 -5.98
CA TYR A 312 -2.53 -4.88 -5.19
C TYR A 312 -3.05 -3.69 -5.95
N LEU A 313 -4.38 -3.50 -5.92
CA LEU A 313 -4.97 -2.33 -6.57
C LEU A 313 -4.41 -1.13 -5.84
N TYR A 314 -3.97 -0.15 -6.60
CA TYR A 314 -3.40 1.07 -6.03
C TYR A 314 -4.32 2.24 -6.41
N TYR A 315 -3.82 3.27 -7.10
CA TYR A 315 -4.68 4.40 -7.40
C TYR A 315 -5.46 4.25 -8.71
N TYR A 316 -6.61 4.91 -8.75
CA TYR A 316 -7.41 4.99 -9.94
C TYR A 316 -8.28 6.20 -9.94
N ALA A 317 -8.88 6.45 -11.08
CA ALA A 317 -9.74 7.62 -11.21
C ALA A 317 -10.57 7.39 -12.44
N THR A 318 -11.76 7.95 -12.41
CA THR A 318 -12.67 7.94 -13.59
C THR A 318 -13.42 9.28 -13.66
N GLU A 319 -13.50 9.86 -14.87
CA GLU A 319 -14.37 11.09 -15.08
C GLU A 319 -15.82 10.89 -14.70
N THR A 320 -16.24 9.64 -14.71
CA THR A 320 -17.63 9.32 -14.45
C THR A 320 -18.02 9.66 -13.02
N ALA A 321 -17.06 9.74 -12.11
CA ALA A 321 -17.32 10.05 -10.71
C ALA A 321 -18.00 11.43 -10.49
N PHE A 322 -17.71 12.37 -11.35
CA PHE A 322 -18.08 13.75 -11.16
C PHE A 322 -19.50 14.06 -11.64
N THR A 323 -20.17 13.05 -12.17
CA THR A 323 -21.58 13.19 -12.47
C THR A 323 -22.37 13.03 -11.14
N ASN A 324 -21.71 12.56 -10.09
CA ASN A 324 -22.34 12.00 -8.92
C ASN A 324 -23.56 11.14 -9.21
N ASN A 325 -23.63 10.55 -10.39
CA ASN A 325 -24.56 9.43 -10.63
C ASN A 325 -23.91 8.13 -10.11
N MET A 326 -24.18 7.77 -8.84
CA MET A 326 -23.65 6.51 -8.19
C MET A 326 -23.97 5.22 -9.01
N LYS A 327 -25.06 5.24 -9.76
CA LYS A 327 -25.42 4.14 -10.61
C LYS A 327 -24.37 4.01 -11.69
N ALA A 328 -24.19 5.07 -12.45
CA ALA A 328 -23.22 5.17 -13.57
C ALA A 328 -21.79 4.88 -13.05
N LEU A 329 -21.43 5.43 -11.89
CA LEU A 329 -20.09 5.14 -11.31
C LEU A 329 -19.85 3.61 -11.07
N LYS A 330 -20.77 2.92 -10.45
CA LYS A 330 -20.63 1.49 -10.27
C LYS A 330 -20.39 0.76 -11.58
N GLU A 331 -21.21 1.05 -12.60
CA GLU A 331 -21.11 0.40 -13.91
C GLU A 331 -19.76 0.64 -14.52
N ARG A 332 -19.29 1.88 -14.48
CA ARG A 332 -18.02 2.19 -15.06
C ARG A 332 -16.86 1.42 -14.31
N LEU A 333 -16.95 1.36 -12.98
CA LEU A 333 -15.94 0.72 -12.17
C LEU A 333 -15.96 -0.81 -12.29
N LEU A 334 -17.15 -1.39 -12.49
CA LEU A 334 -17.22 -2.82 -12.85
C LEU A 334 -16.50 -3.22 -14.09
N MET A 335 -16.55 -2.38 -15.10
CA MET A 335 -15.91 -2.72 -16.31
C MET A 335 -14.40 -2.50 -16.11
N LEU A 336 -14.00 -1.33 -15.56
CA LEU A 336 -12.59 -1.01 -15.47
C LEU A 336 -11.82 -2.01 -14.58
N MET A 337 -12.42 -2.36 -13.45
CA MET A 337 -11.79 -3.24 -12.52
C MET A 337 -11.75 -4.66 -12.99
N ASN A 338 -12.72 -5.07 -13.80
CA ASN A 338 -12.68 -6.40 -14.37
C ASN A 338 -11.53 -6.44 -15.38
N ASP A 339 -11.35 -5.34 -16.11
CA ASP A 339 -10.19 -5.23 -16.99
C ASP A 339 -8.88 -5.30 -16.23
N ALA A 340 -8.82 -4.74 -15.01
CA ALA A 340 -7.58 -4.81 -14.25
C ALA A 340 -7.30 -6.23 -13.80
N LEU A 341 -8.37 -6.97 -13.45
CA LEU A 341 -8.21 -8.37 -13.16
C LEU A 341 -7.56 -9.18 -14.30
N ILE A 342 -8.11 -8.98 -15.48
CA ILE A 342 -7.63 -9.60 -16.74
C ILE A 342 -6.20 -9.27 -17.04
N LEU A 343 -5.85 -8.00 -16.94
CA LEU A 343 -4.44 -7.58 -17.06
C LEU A 343 -3.49 -8.16 -16.08
N ALA A 344 -3.90 -8.24 -14.82
CA ALA A 344 -3.11 -8.87 -13.78
C ALA A 344 -2.96 -10.39 -14.04
N LYS A 345 -4.06 -11.07 -14.41
CA LYS A 345 -3.92 -12.50 -14.75
C LYS A 345 -2.91 -12.68 -15.84
N LYS A 346 -3.06 -11.85 -16.86
CA LYS A 346 -2.16 -11.90 -18.01
C LYS A 346 -0.65 -11.72 -17.58
N ALA A 347 -0.40 -10.93 -16.53
CA ALA A 347 0.90 -10.74 -16.04
C ALA A 347 1.30 -11.75 -15.00
N HIS A 348 0.58 -12.87 -14.94
CA HIS A 348 0.95 -14.05 -14.15
C HIS A 348 0.76 -13.97 -12.60
N PHE A 349 -0.03 -12.99 -12.16
CA PHE A 349 -0.40 -12.84 -10.74
C PHE A 349 -1.40 -13.91 -10.37
N ASP A 350 -1.32 -14.38 -9.13
CA ASP A 350 -2.21 -15.40 -8.58
C ASP A 350 -3.46 -14.81 -7.97
N VAL A 351 -3.39 -13.60 -7.42
CA VAL A 351 -4.50 -13.05 -6.67
C VAL A 351 -4.51 -11.52 -6.90
N PHE A 352 -5.68 -10.85 -6.82
CA PHE A 352 -5.75 -9.42 -6.97
C PHE A 352 -6.32 -8.93 -5.66
N ASN A 353 -5.62 -8.03 -4.97
CA ASN A 353 -5.96 -7.71 -3.60
C ASN A 353 -6.40 -6.24 -3.55
N ALA A 354 -7.41 -5.95 -2.76
CA ALA A 354 -7.83 -4.56 -2.61
C ALA A 354 -8.46 -4.40 -1.25
N LEU A 355 -8.54 -3.16 -0.79
CA LEU A 355 -9.15 -2.80 0.47
C LEU A 355 -10.50 -2.11 0.23
N THR A 356 -11.24 -1.82 1.29
CA THR A 356 -12.57 -1.19 1.19
C THR A 356 -12.62 0.32 1.04
N LEU A 357 -11.43 0.93 0.91
CA LEU A 357 -11.22 2.36 0.74
C LEU A 357 -11.62 2.86 -0.71
N HIS A 358 -11.32 4.11 -1.06
CA HIS A 358 -11.76 4.70 -2.34
C HIS A 358 -13.31 4.36 -2.56
N ASP A 359 -13.69 3.98 -3.77
CA ASP A 359 -15.03 3.54 -4.07
C ASP A 359 -15.09 2.08 -4.25
N ASN A 360 -14.17 1.33 -3.64
CA ASN A 360 -14.08 -0.06 -3.88
C ASN A 360 -15.35 -0.90 -3.41
N PRO A 361 -16.03 -0.47 -2.33
CA PRO A 361 -17.26 -1.20 -2.04
C PRO A 361 -18.30 -1.27 -3.15
N LEU A 362 -18.22 -0.40 -4.14
CA LEU A 362 -19.06 -0.51 -5.33
C LEU A 362 -18.85 -1.71 -6.18
N PHE A 363 -17.64 -2.33 -6.20
CA PHE A 363 -17.33 -3.39 -7.08
C PHE A 363 -16.78 -4.64 -6.45
N LEU A 364 -16.39 -4.60 -5.16
CA LEU A 364 -15.68 -5.77 -4.59
C LEU A 364 -16.46 -7.04 -4.69
N GLU A 365 -17.64 -7.11 -4.06
CA GLU A 365 -18.35 -8.37 -4.00
C GLU A 365 -18.83 -8.89 -5.38
N GLN A 366 -19.29 -8.00 -6.23
CA GLN A 366 -19.72 -8.42 -7.58
C GLN A 366 -18.61 -8.90 -8.52
N LEU A 367 -17.39 -8.38 -8.34
CA LEU A 367 -16.29 -8.89 -9.15
C LEU A 367 -15.64 -10.11 -8.53
N LYS A 368 -16.33 -10.72 -7.57
CA LYS A 368 -15.92 -11.95 -6.86
C LYS A 368 -14.62 -11.84 -6.01
N PHE A 369 -14.42 -10.70 -5.40
CA PHE A 369 -13.38 -10.59 -4.39
C PHE A 369 -13.95 -11.27 -3.12
N GLY A 370 -13.16 -12.10 -2.44
CA GLY A 370 -13.60 -12.75 -1.21
C GLY A 370 -13.11 -11.95 -0.01
N ALA A 371 -13.91 -11.85 1.04
CA ALA A 371 -13.53 -11.09 2.22
C ALA A 371 -12.34 -11.72 2.95
N GLY A 372 -11.40 -10.88 3.35
CA GLY A 372 -10.14 -11.32 3.95
C GLY A 372 -10.18 -11.27 5.46
N ASP A 373 -9.25 -11.96 6.08
CA ASP A 373 -9.00 -11.86 7.50
C ASP A 373 -8.31 -10.57 7.89
N GLY A 374 -7.53 -9.98 7.01
CA GLY A 374 -6.70 -8.87 7.43
C GLY A 374 -7.51 -7.56 7.44
N GLN A 375 -7.03 -6.64 8.27
CA GLN A 375 -7.64 -5.37 8.41
C GLN A 375 -6.47 -4.36 8.51
N LEU A 376 -6.68 -3.17 7.97
CA LEU A 376 -5.69 -2.09 8.08
C LEU A 376 -6.32 -0.94 8.85
N HIS A 377 -5.63 -0.53 9.90
CA HIS A 377 -6.03 0.55 10.74
C HIS A 377 -5.17 1.76 10.41
N PHE A 378 -5.79 2.92 10.26
CA PHE A 378 -5.10 4.14 9.87
C PHE A 378 -4.96 5.09 11.02
N TYR A 379 -3.77 5.74 11.11
CA TYR A 379 -3.41 6.61 12.20
C TYR A 379 -2.65 7.85 11.76
N LEU A 380 -2.93 8.94 12.46
CA LEU A 380 -2.18 10.14 12.36
C LEU A 380 -1.44 10.39 13.66
N TYR A 381 -0.16 10.71 13.55
CA TYR A 381 0.63 11.23 14.62
C TYR A 381 0.57 12.80 14.65
N ASN A 382 0.23 13.32 15.82
CA ASN A 382 0.25 14.76 16.14
C ASN A 382 -0.71 15.53 15.30
N TYR A 383 -1.81 14.87 14.95
CA TYR A 383 -2.89 15.53 14.26
C TYR A 383 -4.19 14.91 14.73
N ARG A 384 -5.10 15.78 15.17
CA ARG A 384 -6.41 15.37 15.65
C ARG A 384 -7.43 15.56 14.53
N THR A 385 -8.24 14.54 14.24
CA THR A 385 -9.38 14.72 13.32
C THR A 385 -10.46 13.73 13.66
N ALA A 386 -11.71 14.02 13.33
CA ALA A 386 -12.83 13.09 13.55
C ALA A 386 -12.59 11.77 12.75
N PRO A 387 -13.10 10.63 13.20
CA PRO A 387 -12.88 9.45 12.33
C PRO A 387 -13.48 9.60 10.95
N VAL A 388 -12.95 8.84 10.01
CA VAL A 388 -13.31 8.92 8.61
C VAL A 388 -13.88 7.51 8.31
N PRO A 389 -14.96 7.40 7.49
CA PRO A 389 -15.42 6.05 7.19
C PRO A 389 -14.44 5.26 6.30
N GLY A 390 -14.37 3.93 6.51
CA GLY A 390 -13.40 3.14 5.82
C GLY A 390 -14.02 2.10 4.85
N GLY A 391 -15.23 2.34 4.38
CA GLY A 391 -15.90 1.53 3.36
C GLY A 391 -16.61 0.32 3.92
N VAL A 392 -16.75 0.23 5.26
CA VAL A 392 -17.36 -0.94 5.88
C VAL A 392 -18.34 -0.45 6.93
N ASN A 393 -19.31 -1.33 7.20
CA ASN A 393 -20.29 -1.14 8.21
C ASN A 393 -19.87 -1.87 9.49
N GLU A 394 -20.79 -1.94 10.47
CA GLU A 394 -20.50 -2.55 11.78
C GLU A 394 -20.21 -4.05 11.75
N LYS A 395 -20.63 -4.73 10.69
CA LYS A 395 -20.36 -6.11 10.51
C LYS A 395 -19.01 -6.31 9.78
N ASN A 396 -18.36 -5.20 9.40
CA ASN A 396 -17.11 -5.22 8.68
C ASN A 396 -17.31 -5.75 7.28
N LEU A 397 -18.45 -5.39 6.67
CA LEU A 397 -18.80 -5.82 5.31
C LEU A 397 -18.83 -4.53 4.50
N PRO A 398 -18.52 -4.56 3.18
CA PRO A 398 -18.52 -3.36 2.40
C PRO A 398 -19.85 -2.64 2.39
N ASP A 399 -19.81 -1.34 2.45
CA ASP A 399 -21.05 -0.54 2.52
C ASP A 399 -20.84 0.68 1.67
N GLU A 400 -21.75 0.88 0.71
CA GLU A 400 -21.66 2.03 -0.19
C GLU A 400 -21.99 3.38 0.45
N LYS A 401 -22.61 3.38 1.61
CA LYS A 401 -22.90 4.65 2.29
C LYS A 401 -21.81 4.97 3.29
N ARG A 402 -20.77 4.13 3.33
CA ARG A 402 -19.60 4.35 4.21
C ARG A 402 -18.26 4.61 3.47
N MET A 403 -18.34 5.21 2.27
CA MET A 403 -17.16 5.52 1.48
C MET A 403 -16.95 7.01 1.72
N GLY A 404 -16.17 7.63 0.84
CA GLY A 404 -15.91 9.07 0.96
C GLY A 404 -14.83 9.40 1.99
N GLY A 405 -14.21 8.42 2.61
CA GLY A 405 -13.37 8.72 3.78
C GLY A 405 -11.89 8.55 3.49
N VAL A 406 -11.50 7.34 3.10
CA VAL A 406 -10.08 7.04 2.90
C VAL A 406 -9.72 7.01 1.44
N GLY A 407 -8.81 7.91 1.02
CA GLY A 407 -8.32 8.09 -0.34
C GLY A 407 -6.80 8.06 -0.47
N ILE A 408 -6.16 7.35 0.46
CA ILE A 408 -4.73 7.15 0.49
C ILE A 408 -4.46 5.67 0.61
N VAL A 409 -3.54 5.19 -0.22
CA VAL A 409 -3.15 3.80 -0.26
C VAL A 409 -1.65 3.79 0.06
N MET A 410 -1.28 3.17 1.18
CA MET A 410 0.08 3.11 1.61
C MET A 410 0.56 1.72 1.33
N LEU A 411 1.86 1.54 1.12
CA LEU A 411 2.40 0.31 0.58
C LEU A 411 2.74 -0.79 1.60
S1 MYA B . 3.21 -1.51 10.46
C2 MYA B . 4.11 -3.04 10.29
C3 MYA B . 4.85 -3.47 11.52
N4 MYA B . 5.70 -4.62 11.34
C5 MYA B . 5.35 -5.88 11.53
O5 MYA B . 4.22 -6.22 11.89
C6 MYA B . 6.44 -6.88 11.28
C7 MYA B . 6.42 -8.01 12.30
N8 MYA B . 6.55 -7.55 13.66
C9 MYA B . 7.66 -7.00 14.19
O9 MYA B . 8.69 -6.87 13.55
C10 MYA B . 7.51 -6.60 15.64
O10 MYA B . 6.45 -7.40 16.26
C11 MYA B . 7.16 -5.14 15.88
C12 MYA B . 6.83 -4.89 17.39
C13 MYA B . 5.89 -4.71 15.07
C14 MYA B . 8.39 -4.30 15.49
N1A MYA B . 2.87 0.08 15.21
O1A MYA B . 9.33 -3.75 20.87
P1A MYA B . 8.11 -4.28 21.53
C1X MYA B . 3.80 -1.21 20.07
C2A MYA B . 3.10 0.91 16.27
O2A MYA B . 8.15 -5.10 22.76
P2A MYA B . 7.64 -6.23 19.48
C2M MYA B . 4.37 -0.31 10.19
O2M MYA B . 5.41 -0.46 9.68
C2X MYA B . 3.02 -2.14 21.02
O2X MYA B . 1.69 -1.82 21.07
N3A MYA B . 3.33 0.39 17.49
O3A MYA B . 7.24 -5.12 20.53
C3M MYA B . 4.04 1.03 10.67
C3X MYA B . 3.66 -1.98 22.34
O3X MYA B . 3.26 -0.74 22.81
P3X MYA B . 2.87 -0.49 24.37
C4A MYA B . 3.36 -0.93 17.64
O4A MYA B . 8.94 -6.88 19.86
C4M MYA B . 4.62 1.33 12.03
C4X MYA B . 5.09 -1.89 21.86
O4X MYA B . 5.12 -1.54 20.45
C5A MYA B . 3.19 -1.78 16.57
O5A MYA B . 6.52 -7.09 19.11
C5M MYA B . 4.34 2.74 12.51
C5X MYA B . 5.79 -3.22 22.10
O5X MYA B . 7.18 -3.04 21.84
C6A MYA B . 2.92 -1.24 15.33
N6A MYA B . 2.73 -2.04 14.24
O6A MYA B . 7.96 -5.30 18.20
C6M MYA B . 4.83 2.99 13.93
N7A MYA B . 3.27 -3.01 17.00
O7A MYA B . 4.09 0.26 25.04
C7M MYA B . 4.59 4.30 14.59
C8A MYA B . 3.51 -2.97 18.32
O8A MYA B . 2.46 -1.95 24.96
C8M MYA B . 4.98 5.59 13.83
N9A MYA B . 3.54 -1.66 18.71
O9A MYA B . 1.70 0.63 24.20
C9M MYA B . 4.67 6.83 14.61
CAM MYA B . 5.00 8.13 13.84
CBM MYA B . 6.47 8.40 14.04
CCM MYA B . 6.96 9.50 13.10
CDM MYA B . 6.74 10.83 13.78
CEM MYA B . 7.19 12.04 12.95
CFM MYA B . 6.70 13.39 13.36
CAN 75S C . 1.57 -3.09 7.17
CAL 75S C . 1.11 -2.06 6.09
NAS 75S C . 1.53 -2.50 4.81
CAM 75S C . 0.88 -3.81 4.47
CAO 75S C . 1.56 -4.84 5.41
NBC 75S C . 1.14 -4.40 6.81
CBA 75S C . -0.01 -5.00 7.24
CAK 75S C . -0.57 -6.14 6.62
NAR 75S C . -0.61 -4.51 8.30
CAF 75S C . -1.77 -5.06 8.71
CAH 75S C . -2.34 -6.21 8.14
CAX 75S C . -1.70 -6.78 7.04
CAY 75S C . -2.30 -7.89 6.40
CAJ 75S C . -2.88 -8.92 7.14
CAV 75S C . -3.48 -10.06 6.51
CL2 75S C . -4.18 -11.28 7.55
CAI 75S C . -2.33 -8.01 5.01
CAU 75S C . -2.93 -9.15 4.40
CL1 75S C . -2.89 -9.28 2.68
CBB 75S C . -3.47 -10.20 5.16
OAT 75S C . -3.99 -11.34 4.51
CAP 75S C . -2.99 -12.63 4.75
CAZ 75S C . -1.52 -12.48 4.59
CAG 75S C . -0.75 -11.98 5.63
CAD 75S C . 0.60 -11.77 5.47
CAE 75S C . 1.25 -12.03 4.26
NAQ 75S C . 0.51 -12.45 3.22
CAW 75S C . -0.81 -12.73 3.39
CAA 75S C . -1.50 -13.29 2.14
#